data_1CP2
#
_entry.id   1CP2
#
_cell.length_a   67.600
_cell.length_b   75.870
_cell.length_c   53.550
_cell.angle_alpha   90.00
_cell.angle_beta   114.17
_cell.angle_gamma   90.00
#
_symmetry.space_group_name_H-M   'P 1 21 1'
#
loop_
_entity.id
_entity.type
_entity.pdbx_description
1 polymer 'NITROGENASE IRON PROTEIN'
2 non-polymer 'IRON/SULFUR CLUSTER'
3 water water
#
_entity_poly.entity_id   1
_entity_poly.type   'polypeptide(L)'
_entity_poly.pdbx_seq_one_letter_code
;MRQVAIYGKGGIGKSTTTQNLTSGLHAMGKTIMVVGCDPKADSTRLLLGGLAQKSVLDTLREEGEDVELDSILKEGYGGI
RCVESGGPEPGVGCAGRGIITSINMLEQLGAYTDDLDYVFYDVLGDVVCGGFAMPIREGKAQEIYIVASGEMMALYAANN
ISKGIQKYAKSGGVRLGGIICNSRKVANEYELLDAFAKELGSQLIHFVPRSPMVTKAEINKQTVIEYDPTCEQAEEYREL
ARKVDANELFVIPKPMTQERLEEILMQYG
;
_entity_poly.pdbx_strand_id   A,B
#
loop_
_chem_comp.id
_chem_comp.type
_chem_comp.name
_chem_comp.formula
SF4 non-polymer 'IRON/SULFUR CLUSTER' 'Fe4 S4'
#
# COMPACT_ATOMS: atom_id res chain seq x y z
N MET A 1 -17.09 -20.75 15.94
CA MET A 1 -17.12 -19.65 14.93
C MET A 1 -15.73 -19.58 14.32
N ARG A 2 -15.65 -19.52 13.00
CA ARG A 2 -14.36 -19.42 12.36
C ARG A 2 -14.03 -17.91 12.24
N GLN A 3 -12.88 -17.53 12.80
CA GLN A 3 -12.38 -16.15 12.83
C GLN A 3 -11.26 -16.09 11.81
N VAL A 4 -11.68 -15.78 10.59
CA VAL A 4 -10.84 -15.70 9.41
C VAL A 4 -10.47 -14.26 9.07
N ALA A 5 -9.29 -14.10 8.44
CA ALA A 5 -8.81 -12.79 7.96
C ALA A 5 -8.23 -12.94 6.57
N ILE A 6 -8.57 -12.02 5.68
CA ILE A 6 -8.01 -12.04 4.32
C ILE A 6 -6.99 -10.89 4.17
N TYR A 7 -5.76 -11.27 3.89
CA TYR A 7 -4.69 -10.31 3.73
C TYR A 7 -4.18 -10.35 2.29
N GLY A 8 -3.57 -9.25 1.85
CA GLY A 8 -3.04 -9.18 0.53
C GLY A 8 -2.83 -7.75 0.15
N LYS A 9 -1.93 -7.58 -0.82
CA LYS A 9 -1.54 -6.28 -1.41
C LYS A 9 -2.79 -5.59 -2.00
N GLY A 10 -2.75 -4.27 -2.07
CA GLY A 10 -3.86 -3.54 -2.65
C GLY A 10 -3.75 -3.61 -4.16
N GLY A 11 -4.81 -3.24 -4.86
CA GLY A 11 -4.73 -3.21 -6.31
C GLY A 11 -4.87 -4.52 -7.04
N ILE A 12 -5.22 -5.60 -6.36
CA ILE A 12 -5.33 -6.88 -7.07
C ILE A 12 -6.70 -7.51 -6.91
N GLY A 13 -7.63 -6.71 -6.41
CA GLY A 13 -9.01 -7.17 -6.22
C GLY A 13 -9.28 -8.02 -4.98
N LYS A 14 -8.44 -7.83 -3.97
CA LYS A 14 -8.59 -8.57 -2.74
C LYS A 14 -9.94 -8.39 -2.02
N SER A 15 -10.43 -7.16 -1.88
CA SER A 15 -11.73 -6.95 -1.21
C SER A 15 -12.89 -7.55 -1.98
N THR A 16 -12.81 -7.48 -3.30
CA THR A 16 -13.82 -8.05 -4.18
C THR A 16 -13.83 -9.57 -3.99
N THR A 17 -12.65 -10.20 -3.85
CA THR A 17 -12.58 -11.63 -3.65
C THR A 17 -13.20 -11.96 -2.31
N THR A 18 -12.74 -11.29 -1.26
CA THR A 18 -13.30 -11.53 0.07
C THR A 18 -14.82 -11.45 0.09
N GLN A 19 -15.40 -10.43 -0.57
CA GLN A 19 -16.86 -10.26 -0.57
C GLN A 19 -17.57 -11.38 -1.36
N ASN A 20 -16.97 -11.73 -2.49
CA ASN A 20 -17.53 -12.75 -3.31
C ASN A 20 -17.45 -14.07 -2.61
N LEU A 21 -16.36 -14.30 -1.87
CA LEU A 21 -16.22 -15.55 -1.10
C LEU A 21 -17.37 -15.71 -0.07
N THR A 22 -17.72 -14.64 0.65
CA THR A 22 -18.81 -14.71 1.63
C THR A 22 -20.17 -15.07 1.03
N SER A 23 -20.50 -14.56 -0.15
CA SER A 23 -21.76 -14.89 -0.83
C SER A 23 -21.78 -16.39 -1.08
N GLY A 24 -20.62 -16.92 -1.50
CA GLY A 24 -20.44 -18.37 -1.71
C GLY A 24 -20.70 -19.17 -0.42
N LEU A 25 -20.23 -18.63 0.72
CA LEU A 25 -20.43 -19.26 2.04
C LEU A 25 -21.90 -19.11 2.45
N HIS A 26 -22.50 -17.97 2.10
CA HIS A 26 -23.92 -17.75 2.38
C HIS A 26 -24.72 -18.78 1.55
N ALA A 27 -24.30 -18.99 0.29
CA ALA A 27 -24.95 -19.95 -0.55
C ALA A 27 -24.87 -21.32 0.11
N MET A 28 -24.06 -21.47 1.16
CA MET A 28 -23.95 -22.77 1.87
C MET A 28 -24.70 -22.75 3.19
N GLY A 29 -25.56 -21.79 3.41
CA GLY A 29 -26.27 -21.76 4.67
C GLY A 29 -25.46 -21.17 5.79
N LYS A 30 -24.35 -20.48 5.52
CA LYS A 30 -23.53 -19.89 6.61
C LYS A 30 -23.95 -18.52 7.07
N THR A 31 -23.86 -18.24 8.37
CA THR A 31 -24.20 -16.95 8.94
C THR A 31 -22.82 -16.32 9.11
N ILE A 32 -22.63 -15.13 8.56
CA ILE A 32 -21.31 -14.47 8.49
C ILE A 32 -21.30 -13.00 8.83
N MET A 33 -20.20 -12.54 9.43
CA MET A 33 -19.98 -11.13 9.73
C MET A 33 -18.68 -10.72 8.99
N VAL A 34 -18.74 -9.55 8.34
CA VAL A 34 -17.58 -9.01 7.62
C VAL A 34 -17.16 -7.69 8.25
N VAL A 35 -15.87 -7.54 8.56
CA VAL A 35 -15.31 -6.30 9.15
C VAL A 35 -14.17 -5.75 8.28
N GLY A 36 -14.42 -4.64 7.60
CA GLY A 36 -13.39 -4.07 6.77
C GLY A 36 -12.33 -3.42 7.63
N CYS A 37 -11.07 -3.71 7.35
CA CYS A 37 -9.93 -3.14 8.09
C CYS A 37 -8.94 -2.61 7.05
N ASP A 38 -9.47 -2.24 5.92
CA ASP A 38 -8.71 -1.83 4.75
C ASP A 38 -9.05 -0.42 4.35
N PRO A 39 -8.31 0.56 4.89
CA PRO A 39 -8.51 1.98 4.61
C PRO A 39 -8.49 2.33 3.09
N LYS A 40 -7.95 1.44 2.27
CA LYS A 40 -7.87 1.64 0.81
C LYS A 40 -8.95 0.90 0.00
N ALA A 41 -9.78 0.10 0.65
CA ALA A 41 -10.84 -0.60 -0.07
C ALA A 41 -12.20 -0.56 0.61
N ASP A 42 -13.24 -0.53 -0.19
CA ASP A 42 -14.57 -0.56 0.31
C ASP A 42 -14.75 -2.06 0.58
N SER A 43 -14.77 -2.50 1.84
CA SER A 43 -14.89 -3.93 2.14
C SER A 43 -16.30 -4.59 2.17
N THR A 44 -17.36 -3.78 2.16
CA THR A 44 -18.73 -4.30 2.25
C THR A 44 -19.68 -3.72 1.15
N ARG A 45 -19.13 -2.89 0.30
CA ARG A 45 -19.90 -2.22 -0.75
C ARG A 45 -20.61 -3.13 -1.78
N LEU A 46 -20.01 -4.28 -2.08
CA LEU A 46 -20.61 -5.19 -3.04
C LEU A 46 -21.66 -6.02 -2.34
N LEU A 47 -21.67 -5.91 -1.02
CA LEU A 47 -22.59 -6.67 -0.19
C LEU A 47 -23.77 -5.83 0.28
N LEU A 48 -23.58 -4.52 0.34
CA LEU A 48 -24.64 -3.66 0.81
C LEU A 48 -25.20 -2.87 -0.37
N GLY A 49 -24.56 -2.98 -1.52
CA GLY A 49 -25.03 -2.29 -2.72
C GLY A 49 -24.71 -0.81 -2.96
N GLY A 50 -23.43 -0.47 -3.03
CA GLY A 50 -23.07 0.90 -3.29
C GLY A 50 -23.12 1.75 -2.05
N LEU A 51 -23.70 1.24 -0.97
CA LEU A 51 -23.69 2.04 0.24
C LEU A 51 -22.33 1.93 0.90
N ALA A 52 -21.62 3.06 0.88
CA ALA A 52 -20.33 3.10 1.55
C ALA A 52 -20.86 3.41 2.93
N GLN A 53 -21.12 2.36 3.72
CA GLN A 53 -21.64 2.50 5.09
C GLN A 53 -20.61 3.29 5.89
N LYS A 54 -21.10 4.01 6.89
CA LYS A 54 -20.24 4.80 7.76
C LYS A 54 -19.40 3.90 8.71
N SER A 55 -18.17 4.36 8.93
CA SER A 55 -17.23 3.62 9.73
C SER A 55 -17.44 3.76 11.20
N VAL A 56 -16.88 2.82 11.95
CA VAL A 56 -16.90 2.83 13.42
C VAL A 56 -16.21 4.08 14.00
N LEU A 57 -15.04 4.38 13.46
CA LEU A 57 -14.31 5.53 13.93
C LEU A 57 -15.12 6.79 13.61
N ASP A 58 -15.88 6.77 12.53
CA ASP A 58 -16.71 7.91 12.17
C ASP A 58 -17.98 8.01 13.03
N THR A 59 -18.54 6.86 13.39
CA THR A 59 -19.73 6.81 14.20
C THR A 59 -19.36 7.30 15.59
N LEU A 60 -18.20 6.89 16.10
CA LEU A 60 -17.80 7.33 17.44
C LEU A 60 -17.75 8.85 17.57
N ARG A 61 -17.10 9.47 16.63
CA ARG A 61 -16.91 10.91 16.66
C ARG A 61 -18.27 11.65 16.55
N GLU A 62 -19.35 10.93 16.22
CA GLU A 62 -20.70 11.58 16.12
C GLU A 62 -21.74 10.95 17.08
N GLU A 63 -21.75 9.65 17.18
CA GLU A 63 -22.69 8.99 18.08
C GLU A 63 -22.01 8.94 19.46
N GLY A 64 -20.78 9.45 19.51
CA GLY A 64 -20.03 9.47 20.75
C GLY A 64 -20.14 8.27 21.66
N GLU A 65 -20.35 8.53 22.93
CA GLU A 65 -20.43 7.44 23.88
C GLU A 65 -21.67 6.57 23.81
N ASP A 66 -22.75 7.04 23.21
CA ASP A 66 -23.96 6.21 23.17
C ASP A 66 -24.18 5.44 21.89
N VAL A 67 -23.10 5.05 21.22
CA VAL A 67 -23.17 4.31 19.95
C VAL A 67 -23.92 2.98 20.08
N GLU A 68 -24.79 2.74 19.12
CA GLU A 68 -25.58 1.53 19.04
C GLU A 68 -25.09 0.63 17.90
N LEU A 69 -25.10 -0.69 18.12
CA LEU A 69 -24.64 -1.63 17.09
C LEU A 69 -25.21 -1.37 15.71
N ASP A 70 -26.54 -1.39 15.55
CA ASP A 70 -27.20 -1.17 14.26
C ASP A 70 -26.69 0.04 13.49
N SER A 71 -25.91 0.90 14.13
CA SER A 71 -25.38 2.05 13.39
C SER A 71 -24.15 1.57 12.67
N ILE A 72 -23.36 0.74 13.35
CA ILE A 72 -22.11 0.21 12.78
C ILE A 72 -22.20 -1.09 12.00
N LEU A 73 -23.25 -1.87 12.23
CA LEU A 73 -23.42 -3.13 11.50
C LEU A 73 -24.72 -3.10 10.65
N LYS A 74 -24.55 -3.29 9.36
CA LYS A 74 -25.65 -3.26 8.39
C LYS A 74 -25.76 -4.62 7.72
N GLU A 75 -26.98 -5.08 7.48
CA GLU A 75 -27.22 -6.40 6.90
C GLU A 75 -27.24 -6.32 5.41
N GLY A 76 -26.42 -7.12 4.74
CA GLY A 76 -26.39 -7.01 3.30
C GLY A 76 -26.98 -8.18 2.57
N TYR A 77 -26.43 -8.42 1.37
CA TYR A 77 -26.86 -9.51 0.55
C TYR A 77 -26.83 -10.80 1.37
N GLY A 78 -27.95 -11.51 1.32
CA GLY A 78 -28.06 -12.78 2.02
C GLY A 78 -27.96 -12.73 3.52
N GLY A 79 -28.17 -11.57 4.13
CA GLY A 79 -28.08 -11.46 5.55
C GLY A 79 -26.66 -11.26 6.07
N ILE A 80 -25.65 -11.24 5.20
CA ILE A 80 -24.24 -11.04 5.69
C ILE A 80 -24.13 -9.72 6.47
N ARG A 81 -23.71 -9.76 7.72
CA ARG A 81 -23.62 -8.57 8.55
C ARG A 81 -22.33 -7.86 8.21
N CYS A 82 -22.44 -6.58 7.87
CA CYS A 82 -21.31 -5.79 7.39
C CYS A 82 -20.90 -4.64 8.31
N VAL A 83 -19.59 -4.43 8.50
CA VAL A 83 -19.11 -3.33 9.37
C VAL A 83 -17.83 -2.77 8.75
N GLU A 84 -17.48 -1.52 9.03
CA GLU A 84 -16.25 -0.92 8.49
C GLU A 84 -15.46 -0.21 9.60
N SER A 85 -14.20 -0.59 9.77
CA SER A 85 -13.37 0.02 10.81
C SER A 85 -13.22 1.49 10.65
N GLY A 86 -12.70 1.90 9.48
CA GLY A 86 -12.42 3.30 9.22
C GLY A 86 -10.92 3.47 9.41
N GLY A 87 -10.30 4.37 8.65
CA GLY A 87 -8.84 4.58 8.69
C GLY A 87 -8.31 5.46 9.81
N PRO A 88 -6.99 5.69 9.86
CA PRO A 88 -6.35 6.54 10.88
C PRO A 88 -6.41 8.03 10.56
N GLU A 89 -6.44 8.87 11.60
CA GLU A 89 -6.43 10.32 11.41
C GLU A 89 -5.28 10.52 10.44
N PRO A 90 -5.56 11.09 9.27
CA PRO A 90 -4.45 11.27 8.36
C PRO A 90 -3.17 11.94 8.92
N GLY A 91 -2.05 11.25 8.73
CA GLY A 91 -0.78 11.77 9.16
C GLY A 91 -0.48 11.61 10.64
N VAL A 92 -1.43 11.09 11.40
CA VAL A 92 -1.26 10.88 12.84
C VAL A 92 -2.04 9.59 13.14
N GLY A 93 -1.84 8.96 14.28
CA GLY A 93 -2.62 7.77 14.48
C GLY A 93 -2.12 6.52 13.78
N CYS A 94 -2.73 5.41 14.16
CA CYS A 94 -2.32 4.13 13.66
C CYS A 94 -3.56 3.37 13.20
N ALA A 95 -3.53 2.88 11.95
CA ALA A 95 -4.63 2.08 11.39
C ALA A 95 -4.78 0.93 12.34
N GLY A 96 -3.69 0.23 12.62
CA GLY A 96 -3.75 -0.90 13.54
C GLY A 96 -4.52 -0.59 14.81
N ARG A 97 -4.25 0.57 15.40
CA ARG A 97 -4.95 0.93 16.61
C ARG A 97 -6.48 1.06 16.39
N GLY A 98 -6.89 1.70 15.30
CA GLY A 98 -8.32 1.85 15.07
C GLY A 98 -9.06 0.57 14.73
N ILE A 99 -8.35 -0.43 14.20
CA ILE A 99 -8.95 -1.73 13.86
C ILE A 99 -9.25 -2.41 15.23
N ILE A 100 -8.39 -2.14 16.20
CA ILE A 100 -8.55 -2.64 17.57
C ILE A 100 -9.79 -2.03 18.21
N THR A 101 -9.89 -0.70 18.15
CA THR A 101 -11.04 0.07 18.65
C THR A 101 -12.37 -0.52 18.16
N SER A 102 -12.50 -0.65 16.85
CA SER A 102 -13.71 -1.21 16.20
C SER A 102 -14.06 -2.63 16.64
N ILE A 103 -13.06 -3.51 16.65
CA ILE A 103 -13.25 -4.90 17.03
C ILE A 103 -13.73 -5.01 18.47
N ASN A 104 -13.14 -4.20 19.34
CA ASN A 104 -13.51 -4.21 20.76
C ASN A 104 -14.91 -3.61 20.92
N MET A 105 -15.24 -2.60 20.09
CA MET A 105 -16.57 -1.96 20.13
C MET A 105 -17.58 -2.96 19.60
N LEU A 106 -17.16 -3.83 18.68
CA LEU A 106 -18.08 -4.87 18.21
C LEU A 106 -18.36 -5.88 19.35
N GLU A 107 -17.33 -6.43 19.97
CA GLU A 107 -17.55 -7.41 21.03
C GLU A 107 -18.40 -6.75 22.11
N GLN A 108 -17.96 -5.57 22.53
CA GLN A 108 -18.61 -4.80 23.55
C GLN A 108 -20.08 -4.60 23.29
N LEU A 109 -20.47 -4.36 22.04
CA LEU A 109 -21.90 -4.17 21.71
C LEU A 109 -22.56 -5.53 21.42
N GLY A 110 -21.82 -6.58 21.75
CA GLY A 110 -22.25 -7.93 21.58
C GLY A 110 -22.50 -8.36 20.16
N ALA A 111 -21.65 -7.95 19.21
CA ALA A 111 -21.83 -8.38 17.83
C ALA A 111 -21.49 -9.84 17.54
N TYR A 112 -20.64 -10.46 18.35
CA TYR A 112 -20.23 -11.86 18.12
C TYR A 112 -21.18 -12.93 18.59
N THR A 113 -22.36 -12.89 18.00
CA THR A 113 -23.45 -13.79 18.33
C THR A 113 -23.28 -15.29 17.96
N ASP A 114 -23.69 -16.16 18.89
CA ASP A 114 -23.56 -17.62 18.73
C ASP A 114 -24.11 -18.25 17.46
N ASP A 115 -24.67 -17.45 16.56
CA ASP A 115 -25.20 -18.02 15.33
C ASP A 115 -24.20 -17.82 14.22
N LEU A 116 -23.14 -17.06 14.51
CA LEU A 116 -22.11 -16.78 13.51
C LEU A 116 -21.35 -18.01 13.08
N ASP A 117 -21.33 -18.30 11.78
CA ASP A 117 -20.53 -19.44 11.29
C ASP A 117 -19.13 -18.91 10.95
N TYR A 118 -19.10 -17.61 10.59
CA TYR A 118 -17.87 -16.92 10.21
C TYR A 118 -17.80 -15.43 10.53
N VAL A 119 -16.58 -14.93 10.72
CA VAL A 119 -16.30 -13.52 10.80
C VAL A 119 -15.04 -13.39 9.92
N PHE A 120 -15.01 -12.35 9.10
CA PHE A 120 -13.87 -12.13 8.26
C PHE A 120 -13.43 -10.73 8.46
N TYR A 121 -12.12 -10.59 8.51
CA TYR A 121 -11.49 -9.28 8.60
C TYR A 121 -10.80 -9.14 7.24
N ASP A 122 -11.16 -8.10 6.51
CA ASP A 122 -10.56 -7.80 5.23
C ASP A 122 -9.48 -6.80 5.59
N VAL A 123 -8.23 -7.27 5.61
CA VAL A 123 -7.11 -6.43 6.05
C VAL A 123 -6.12 -6.08 4.92
N LEU A 124 -5.68 -4.84 4.90
CA LEU A 124 -4.73 -4.38 3.92
C LEU A 124 -3.38 -5.02 4.25
N GLY A 125 -2.69 -5.46 3.22
CA GLY A 125 -1.41 -6.09 3.39
C GLY A 125 -0.33 -5.32 2.70
N ASP A 126 -0.54 -4.02 2.43
CA ASP A 126 0.49 -3.17 1.80
C ASP A 126 1.58 -2.94 2.80
N VAL A 127 1.26 -2.54 4.01
CA VAL A 127 2.33 -2.40 4.96
C VAL A 127 2.13 -3.55 5.94
N VAL A 128 3.09 -4.47 6.02
CA VAL A 128 2.94 -5.55 6.99
C VAL A 128 3.69 -5.13 8.30
N CYS A 129 3.11 -4.15 8.96
CA CYS A 129 3.62 -3.63 10.18
C CYS A 129 2.85 -4.20 11.33
N GLY A 130 3.22 -3.78 12.53
CA GLY A 130 2.52 -4.25 13.73
C GLY A 130 1.11 -3.71 13.80
N GLY A 131 0.88 -2.59 13.15
CA GLY A 131 -0.47 -2.04 13.11
C GLY A 131 -1.42 -2.97 12.31
N PHE A 132 -1.02 -3.42 11.12
CA PHE A 132 -1.91 -4.31 10.39
C PHE A 132 -1.99 -5.75 10.89
N ALA A 133 -0.99 -6.16 11.66
CA ALA A 133 -0.99 -7.49 12.24
C ALA A 133 -1.80 -7.49 13.54
N MET A 134 -2.40 -6.35 13.88
CA MET A 134 -3.18 -6.32 15.10
C MET A 134 -4.17 -7.51 15.32
N PRO A 135 -5.08 -7.82 14.36
CA PRO A 135 -6.04 -8.92 14.51
C PRO A 135 -5.41 -10.32 14.77
N ILE A 136 -4.24 -10.55 14.23
CA ILE A 136 -3.53 -11.80 14.45
C ILE A 136 -2.92 -11.77 15.86
N ARG A 137 -2.14 -10.73 16.16
CA ARG A 137 -1.49 -10.62 17.45
C ARG A 137 -2.47 -10.67 18.63
N GLU A 138 -3.61 -9.98 18.51
CA GLU A 138 -4.61 -9.97 19.58
C GLU A 138 -5.52 -11.19 19.64
N GLY A 139 -5.31 -12.18 18.79
CA GLY A 139 -6.14 -13.39 18.80
C GLY A 139 -7.52 -13.31 18.10
N LYS A 140 -7.79 -12.20 17.42
CA LYS A 140 -9.07 -11.99 16.70
C LYS A 140 -9.12 -12.91 15.48
N ALA A 141 -8.00 -12.98 14.76
CA ALA A 141 -7.94 -13.79 13.57
C ALA A 141 -7.03 -14.97 13.75
N GLN A 142 -7.60 -16.18 13.62
CA GLN A 142 -6.87 -17.44 13.79
C GLN A 142 -6.55 -18.13 12.46
N GLU A 143 -7.45 -17.98 11.52
CA GLU A 143 -7.30 -18.59 10.22
C GLU A 143 -7.15 -17.46 9.15
N ILE A 144 -6.00 -17.46 8.48
CA ILE A 144 -5.70 -16.43 7.49
C ILE A 144 -5.58 -17.05 6.13
N TYR A 145 -6.03 -16.30 5.13
CA TYR A 145 -5.89 -16.68 3.71
C TYR A 145 -5.31 -15.42 3.10
N ILE A 146 -4.31 -15.62 2.25
CA ILE A 146 -3.63 -14.53 1.58
C ILE A 146 -3.99 -14.47 0.11
N VAL A 147 -4.36 -13.28 -0.38
CA VAL A 147 -4.71 -13.16 -1.77
C VAL A 147 -3.52 -12.67 -2.50
N ALA A 148 -3.24 -13.29 -3.64
CA ALA A 148 -2.09 -12.90 -4.45
C ALA A 148 -2.38 -13.12 -5.94
N SER A 149 -1.64 -12.40 -6.78
CA SER A 149 -1.74 -12.58 -8.20
C SER A 149 -0.32 -13.00 -8.52
N GLY A 150 -0.11 -13.48 -9.75
CA GLY A 150 1.19 -13.96 -10.20
C GLY A 150 2.16 -12.86 -10.52
N GLU A 151 2.20 -11.83 -9.71
CA GLU A 151 3.09 -10.74 -9.95
C GLU A 151 4.02 -10.62 -8.74
N MET A 152 5.26 -10.26 -9.01
CA MET A 152 6.29 -10.10 -7.99
C MET A 152 5.86 -9.32 -6.69
N MET A 153 5.32 -8.11 -6.84
CA MET A 153 4.96 -7.34 -5.65
C MET A 153 3.86 -7.93 -4.79
N ALA A 154 2.97 -8.72 -5.41
CA ALA A 154 1.88 -9.40 -4.71
C ALA A 154 2.44 -10.65 -4.08
N LEU A 155 3.42 -11.25 -4.73
CA LEU A 155 4.06 -12.43 -4.16
C LEU A 155 4.93 -12.00 -2.97
N TYR A 156 5.62 -10.88 -3.13
CA TYR A 156 6.49 -10.36 -2.09
C TYR A 156 5.68 -10.04 -0.79
N ALA A 157 4.54 -9.36 -1.00
CA ALA A 157 3.66 -9.01 0.10
C ALA A 157 3.17 -10.28 0.79
N ALA A 158 2.77 -11.29 0.01
CA ALA A 158 2.28 -12.56 0.55
C ALA A 158 3.37 -13.20 1.42
N ASN A 159 4.60 -13.18 0.94
CA ASN A 159 5.71 -13.74 1.68
C ASN A 159 5.89 -13.01 3.02
N ASN A 160 5.82 -11.70 2.93
CA ASN A 160 5.94 -10.80 4.07
C ASN A 160 4.86 -11.01 5.11
N ILE A 161 3.62 -11.20 4.62
CA ILE A 161 2.48 -11.44 5.48
C ILE A 161 2.71 -12.70 6.28
N SER A 162 3.22 -13.71 5.56
CA SER A 162 3.55 -15.01 6.15
C SER A 162 4.65 -14.84 7.22
N LYS A 163 5.57 -13.89 7.03
CA LYS A 163 6.61 -13.64 8.03
C LYS A 163 5.89 -13.24 9.31
N GLY A 164 4.99 -12.25 9.22
CA GLY A 164 4.22 -11.82 10.38
C GLY A 164 3.35 -12.91 11.02
N ILE A 165 2.70 -13.71 10.17
CA ILE A 165 1.89 -14.82 10.65
C ILE A 165 2.80 -15.73 11.44
N GLN A 166 3.92 -16.13 10.82
CA GLN A 166 4.90 -17.01 11.46
C GLN A 166 5.29 -16.58 12.89
N LYS A 167 5.48 -15.28 13.10
CA LYS A 167 5.87 -14.83 14.42
C LYS A 167 4.81 -15.02 15.46
N TYR A 168 3.57 -15.10 15.05
CA TYR A 168 2.50 -15.26 16.01
C TYR A 168 2.02 -16.69 16.01
N ALA A 169 2.41 -17.45 14.99
CA ALA A 169 2.06 -18.85 14.96
C ALA A 169 3.08 -19.44 15.97
N LYS A 170 2.59 -19.60 17.22
CA LYS A 170 3.35 -20.13 18.38
C LYS A 170 2.68 -19.63 19.66
N SER A 171 2.94 -18.40 20.01
CA SER A 171 2.33 -17.81 21.20
C SER A 171 0.82 -18.01 21.03
N GLY A 172 0.33 -17.62 19.86
CA GLY A 172 -1.07 -17.81 19.59
C GLY A 172 -1.14 -18.96 18.62
N GLY A 173 -2.36 -19.29 18.23
CA GLY A 173 -2.56 -20.39 17.31
C GLY A 173 -2.93 -19.93 15.93
N VAL A 174 -2.53 -18.72 15.55
CA VAL A 174 -2.84 -18.27 14.19
C VAL A 174 -2.05 -19.17 13.25
N ARG A 175 -2.66 -19.46 12.11
CA ARG A 175 -2.15 -20.31 11.06
C ARG A 175 -2.59 -19.73 9.70
N LEU A 176 -1.94 -20.22 8.66
CA LEU A 176 -2.24 -19.90 7.27
C LEU A 176 -3.08 -21.06 6.72
N GLY A 177 -4.31 -20.76 6.28
CA GLY A 177 -5.16 -21.78 5.69
C GLY A 177 -4.87 -21.90 4.19
N GLY A 178 -4.27 -20.89 3.57
CA GLY A 178 -3.98 -21.03 2.18
C GLY A 178 -3.81 -19.70 1.46
N ILE A 179 -3.39 -19.78 0.19
CA ILE A 179 -3.17 -18.63 -0.70
C ILE A 179 -4.31 -18.65 -1.73
N ILE A 180 -4.86 -17.50 -2.08
CA ILE A 180 -5.88 -17.46 -3.13
C ILE A 180 -5.32 -16.61 -4.28
N CYS A 181 -5.29 -17.18 -5.49
CA CYS A 181 -4.85 -16.42 -6.64
C CYS A 181 -6.02 -15.62 -7.31
N ASN A 182 -5.82 -14.33 -7.48
CA ASN A 182 -6.76 -13.46 -8.15
C ASN A 182 -6.03 -13.27 -9.45
N SER A 183 -6.42 -14.05 -10.45
CA SER A 183 -5.78 -13.98 -11.76
C SER A 183 -6.01 -12.59 -12.29
N ARG A 184 -4.92 -11.89 -12.58
CA ARG A 184 -5.01 -10.53 -13.09
C ARG A 184 -4.76 -10.53 -14.58
N LYS A 185 -4.65 -11.71 -15.18
CA LYS A 185 -4.40 -11.77 -16.61
C LYS A 185 -4.95 -13.01 -17.27
N VAL A 186 -4.74 -13.07 -18.59
CA VAL A 186 -5.19 -14.20 -19.37
C VAL A 186 -4.21 -15.33 -19.08
N ALA A 187 -2.96 -14.98 -18.81
CA ALA A 187 -1.97 -16.01 -18.51
C ALA A 187 -2.29 -16.62 -17.17
N ASN A 188 -2.80 -17.84 -17.20
CA ASN A 188 -3.12 -18.59 -15.99
C ASN A 188 -1.80 -18.96 -15.29
N GLU A 189 -1.48 -18.17 -14.25
CA GLU A 189 -0.25 -18.34 -13.45
C GLU A 189 -0.49 -19.29 -12.29
N TYR A 190 -1.32 -20.29 -12.55
CA TYR A 190 -1.69 -21.30 -11.59
C TYR A 190 -0.48 -22.03 -11.03
N GLU A 191 0.41 -22.40 -11.95
CA GLU A 191 1.63 -23.11 -11.60
C GLU A 191 2.60 -22.26 -10.72
N LEU A 192 2.77 -20.97 -11.04
CA LEU A 192 3.60 -20.13 -10.19
C LEU A 192 3.01 -20.10 -8.74
N LEU A 193 1.76 -19.69 -8.63
CA LEU A 193 1.09 -19.61 -7.35
C LEU A 193 1.10 -20.92 -6.62
N ASP A 194 0.89 -22.03 -7.34
CA ASP A 194 0.84 -23.32 -6.65
C ASP A 194 2.18 -23.65 -6.03
N ALA A 195 3.24 -23.30 -6.77
CA ALA A 195 4.63 -23.51 -6.32
C ALA A 195 5.03 -22.58 -5.15
N PHE A 196 4.58 -21.34 -5.25
CA PHE A 196 4.80 -20.34 -4.23
C PHE A 196 4.15 -20.73 -2.90
N ALA A 197 2.95 -21.28 -2.98
CA ALA A 197 2.24 -21.64 -1.78
C ALA A 197 2.79 -22.88 -1.16
N LYS A 198 3.13 -23.87 -1.98
CA LYS A 198 3.67 -25.11 -1.46
C LYS A 198 5.03 -24.84 -0.82
N GLU A 199 5.78 -23.90 -1.38
CA GLU A 199 7.08 -23.54 -0.83
C GLU A 199 6.94 -23.01 0.59
N LEU A 200 5.86 -22.30 0.89
CA LEU A 200 5.61 -21.78 2.25
C LEU A 200 5.16 -22.92 3.14
N GLY A 201 4.78 -24.02 2.51
CA GLY A 201 4.29 -25.17 3.25
C GLY A 201 2.77 -25.11 3.27
N SER A 202 2.22 -24.25 2.43
CA SER A 202 0.79 -24.07 2.37
C SER A 202 0.26 -24.62 1.05
N GLN A 203 -0.88 -24.11 0.57
CA GLN A 203 -1.48 -24.58 -0.65
C GLN A 203 -2.22 -23.44 -1.37
N LEU A 204 -2.42 -23.61 -2.67
CA LEU A 204 -3.21 -22.67 -3.50
C LEU A 204 -4.63 -23.26 -3.27
N ILE A 205 -5.37 -22.73 -2.30
CA ILE A 205 -6.67 -23.32 -2.03
C ILE A 205 -7.67 -23.14 -3.19
N HIS A 206 -7.46 -22.10 -4.00
CA HIS A 206 -8.33 -21.85 -5.15
C HIS A 206 -7.77 -20.75 -6.03
N PHE A 207 -7.94 -20.94 -7.35
CA PHE A 207 -7.49 -19.98 -8.34
C PHE A 207 -8.72 -19.23 -8.90
N VAL A 208 -8.84 -17.95 -8.55
CA VAL A 208 -9.94 -17.11 -9.04
C VAL A 208 -9.58 -16.59 -10.41
N PRO A 209 -10.35 -17.02 -11.42
CA PRO A 209 -10.21 -16.68 -12.84
C PRO A 209 -10.58 -15.24 -13.17
N ARG A 210 -9.93 -14.76 -14.22
CA ARG A 210 -10.15 -13.43 -14.74
C ARG A 210 -11.49 -13.55 -15.47
N SER A 211 -12.47 -12.76 -15.05
CA SER A 211 -13.77 -12.81 -15.71
C SER A 211 -14.33 -11.43 -15.93
N PRO A 212 -15.02 -11.23 -17.07
CA PRO A 212 -15.57 -9.89 -17.31
C PRO A 212 -16.81 -9.61 -16.43
N MET A 213 -17.32 -10.69 -15.86
CA MET A 213 -18.48 -10.65 -14.96
C MET A 213 -18.16 -9.99 -13.61
N VAL A 214 -16.93 -10.20 -13.11
CA VAL A 214 -16.58 -9.61 -11.82
C VAL A 214 -16.76 -8.10 -11.94
N THR A 215 -16.34 -7.59 -13.10
CA THR A 215 -16.41 -6.17 -13.42
C THR A 215 -17.86 -5.63 -13.55
N LYS A 216 -18.74 -6.48 -14.09
CA LYS A 216 -20.17 -6.12 -14.26
C LYS A 216 -20.81 -6.04 -12.90
N ALA A 217 -20.69 -7.14 -12.14
CA ALA A 217 -21.26 -7.23 -10.81
C ALA A 217 -20.76 -6.04 -10.04
N GLU A 218 -19.46 -5.81 -10.10
CA GLU A 218 -18.86 -4.68 -9.43
C GLU A 218 -19.49 -3.35 -9.84
N ILE A 219 -19.57 -3.05 -11.13
CA ILE A 219 -20.19 -1.79 -11.54
C ILE A 219 -21.55 -1.72 -10.90
N ASN A 220 -22.26 -2.85 -10.89
CA ASN A 220 -23.59 -2.88 -10.35
C ASN A 220 -23.67 -3.00 -8.83
N LYS A 221 -22.54 -2.76 -8.16
CA LYS A 221 -22.41 -2.79 -6.71
C LYS A 221 -22.84 -4.08 -6.04
N GLN A 222 -22.61 -5.20 -6.73
CA GLN A 222 -23.00 -6.53 -6.24
C GLN A 222 -21.93 -7.58 -6.44
N THR A 223 -22.10 -8.70 -5.75
CA THR A 223 -21.17 -9.80 -5.87
C THR A 223 -21.74 -10.59 -7.05
N VAL A 224 -20.90 -11.39 -7.68
CA VAL A 224 -21.31 -12.20 -8.83
C VAL A 224 -22.42 -13.16 -8.43
N ILE A 225 -22.49 -13.52 -7.17
CA ILE A 225 -23.56 -14.42 -6.76
C ILE A 225 -24.90 -13.69 -6.62
N GLU A 226 -24.88 -12.45 -6.17
CA GLU A 226 -26.10 -11.68 -6.10
C GLU A 226 -26.46 -11.22 -7.51
N TYR A 227 -25.47 -10.81 -8.29
CA TYR A 227 -25.73 -10.29 -9.61
C TYR A 227 -26.13 -11.27 -10.70
N ASP A 228 -25.64 -12.51 -10.62
CA ASP A 228 -25.92 -13.50 -11.65
C ASP A 228 -25.45 -14.87 -11.17
N PRO A 229 -26.28 -15.53 -10.37
CA PRO A 229 -25.96 -16.86 -9.83
C PRO A 229 -25.69 -17.94 -10.88
N THR A 230 -26.15 -17.76 -12.11
CA THR A 230 -25.97 -18.80 -13.11
C THR A 230 -24.70 -18.88 -13.91
N CYS A 231 -23.83 -17.88 -13.87
CA CYS A 231 -22.60 -17.92 -14.64
C CYS A 231 -21.51 -18.77 -14.02
N GLU A 232 -20.52 -19.09 -14.86
CA GLU A 232 -19.37 -19.91 -14.50
C GLU A 232 -18.64 -19.26 -13.33
N GLN A 233 -18.45 -17.95 -13.42
CA GLN A 233 -17.76 -17.21 -12.36
C GLN A 233 -18.45 -17.34 -11.02
N ALA A 234 -19.78 -17.45 -11.03
CA ALA A 234 -20.50 -17.59 -9.77
C ALA A 234 -20.10 -18.90 -9.14
N GLU A 235 -19.97 -19.93 -9.97
CA GLU A 235 -19.59 -21.28 -9.49
C GLU A 235 -18.16 -21.25 -8.93
N GLU A 236 -17.28 -20.45 -9.54
CA GLU A 236 -15.90 -20.28 -9.07
C GLU A 236 -15.92 -19.90 -7.57
N TYR A 237 -16.72 -18.88 -7.22
CA TYR A 237 -16.86 -18.42 -5.85
C TYR A 237 -17.50 -19.43 -4.92
N ARG A 238 -18.45 -20.19 -5.44
CA ARG A 238 -19.05 -21.21 -4.64
C ARG A 238 -18.00 -22.27 -4.34
N GLU A 239 -17.17 -22.58 -5.34
CA GLU A 239 -16.11 -23.56 -5.15
C GLU A 239 -15.04 -23.08 -4.15
N LEU A 240 -14.66 -21.79 -4.20
CA LEU A 240 -13.70 -21.26 -3.22
C LEU A 240 -14.29 -21.42 -1.80
N ALA A 241 -15.57 -21.05 -1.66
CA ALA A 241 -16.29 -21.16 -0.39
C ALA A 241 -16.29 -22.57 0.26
N ARG A 242 -16.59 -23.58 -0.54
CA ARG A 242 -16.65 -24.93 -0.06
C ARG A 242 -15.26 -25.48 0.38
N LYS A 243 -14.21 -25.04 -0.31
CA LYS A 243 -12.83 -25.49 0.00
C LYS A 243 -12.32 -24.83 1.30
N VAL A 244 -12.80 -23.63 1.58
CA VAL A 244 -12.40 -22.92 2.80
C VAL A 244 -13.14 -23.60 3.94
N ASP A 245 -14.43 -23.87 3.70
CA ASP A 245 -15.29 -24.48 4.72
C ASP A 245 -14.85 -25.91 5.06
N ALA A 246 -14.44 -26.65 4.06
CA ALA A 246 -13.96 -28.01 4.24
C ALA A 246 -12.46 -28.11 4.63
N ASN A 247 -11.72 -27.00 4.47
CA ASN A 247 -10.28 -26.95 4.74
C ASN A 247 -9.82 -27.51 6.09
N GLU A 248 -8.79 -28.36 6.05
CA GLU A 248 -8.21 -28.93 7.26
C GLU A 248 -6.68 -28.64 7.23
N LEU A 249 -6.19 -28.01 6.16
CA LEU A 249 -4.78 -27.69 6.02
C LEU A 249 -4.42 -26.34 6.68
N PHE A 250 -4.00 -26.38 7.94
CA PHE A 250 -3.65 -25.16 8.65
C PHE A 250 -2.20 -25.19 9.11
N VAL A 251 -1.38 -24.24 8.67
CA VAL A 251 0.03 -24.32 8.99
C VAL A 251 0.71 -23.08 9.56
N ILE A 252 1.92 -23.28 10.12
CA ILE A 252 2.80 -22.20 10.60
C ILE A 252 3.58 -22.14 9.31
N PRO A 253 3.46 -21.04 8.54
CA PRO A 253 4.17 -20.92 7.27
C PRO A 253 5.66 -20.69 7.36
N LYS A 254 6.35 -21.15 6.34
CA LYS A 254 7.80 -21.04 6.25
C LYS A 254 8.19 -20.02 5.20
N PRO A 255 8.36 -18.74 5.59
CA PRO A 255 8.74 -17.65 4.68
C PRO A 255 9.91 -18.07 3.77
N MET A 256 10.10 -17.34 2.66
CA MET A 256 11.18 -17.65 1.75
C MET A 256 12.10 -16.43 1.58
N THR A 257 13.32 -16.69 1.13
CA THR A 257 14.21 -15.59 0.90
C THR A 257 13.82 -14.95 -0.45
N GLN A 258 14.19 -13.69 -0.62
CA GLN A 258 13.91 -12.98 -1.85
C GLN A 258 14.44 -13.84 -3.02
N GLU A 259 15.68 -14.33 -2.84
CA GLU A 259 16.34 -15.19 -3.82
C GLU A 259 15.43 -16.38 -4.10
N ARG A 260 14.91 -17.01 -3.07
CA ARG A 260 14.06 -18.14 -3.36
C ARG A 260 12.88 -17.64 -4.21
N LEU A 261 12.36 -16.46 -3.87
CA LEU A 261 11.22 -15.93 -4.61
C LEU A 261 11.52 -15.94 -6.11
N GLU A 262 12.66 -15.31 -6.46
CA GLU A 262 13.15 -15.19 -7.84
C GLU A 262 13.26 -16.52 -8.54
N GLU A 263 13.78 -17.51 -7.83
CA GLU A 263 13.91 -18.81 -8.44
C GLU A 263 12.52 -19.36 -8.78
N ILE A 264 11.58 -19.24 -7.86
CA ILE A 264 10.24 -19.76 -8.14
C ILE A 264 9.65 -19.01 -9.34
N LEU A 265 9.88 -17.70 -9.37
CA LEU A 265 9.44 -16.83 -10.46
C LEU A 265 9.90 -17.39 -11.81
N MET A 266 11.21 -17.67 -11.90
CA MET A 266 11.81 -18.23 -13.12
C MET A 266 11.32 -19.60 -13.51
N GLN A 267 11.42 -20.54 -12.55
CA GLN A 267 11.01 -21.95 -12.74
C GLN A 267 9.52 -22.15 -13.01
N TYR A 268 8.65 -21.35 -12.40
CA TYR A 268 7.25 -21.56 -12.65
C TYR A 268 6.49 -20.38 -13.23
N GLY A 269 7.01 -19.16 -13.06
CA GLY A 269 6.33 -17.98 -13.55
C GLY A 269 6.34 -17.70 -15.04
N MET B 1 20.01 24.15 2.54
CA MET B 1 19.62 22.80 2.06
C MET B 1 18.09 22.66 1.96
N ARG B 2 17.62 22.13 0.85
CA ARG B 2 16.19 21.89 0.73
C ARG B 2 15.87 20.47 1.21
N GLN B 3 14.90 20.38 2.11
CA GLN B 3 14.48 19.12 2.72
C GLN B 3 13.14 18.78 2.08
N VAL B 4 13.20 17.87 1.11
CA VAL B 4 12.01 17.45 0.35
C VAL B 4 11.58 16.01 0.59
N ALA B 5 10.28 15.75 0.58
CA ALA B 5 9.76 14.38 0.69
C ALA B 5 8.91 14.07 -0.55
N ILE B 6 9.10 12.90 -1.12
CA ILE B 6 8.30 12.51 -2.27
C ILE B 6 7.36 11.42 -1.79
N TYR B 7 6.05 11.73 -1.72
CA TYR B 7 5.02 10.76 -1.32
C TYR B 7 4.22 10.33 -2.54
N GLY B 8 3.58 9.17 -2.40
CA GLY B 8 2.75 8.62 -3.46
C GLY B 8 2.43 7.15 -3.23
N LYS B 9 1.35 6.65 -3.85
CA LYS B 9 1.06 5.24 -3.67
C LYS B 9 2.04 4.42 -4.49
N GLY B 10 2.12 3.14 -4.16
CA GLY B 10 3.01 2.27 -4.87
C GLY B 10 2.32 1.81 -6.13
N GLY B 11 3.09 1.16 -6.98
CA GLY B 11 2.56 0.60 -8.20
C GLY B 11 2.49 1.58 -9.33
N ILE B 12 2.93 2.82 -9.15
CA ILE B 12 2.85 3.79 -10.24
C ILE B 12 4.22 4.41 -10.59
N GLY B 13 5.28 3.81 -10.05
CA GLY B 13 6.63 4.26 -10.30
C GLY B 13 7.11 5.49 -9.54
N LYS B 14 6.55 5.72 -8.35
CA LYS B 14 7.00 6.88 -7.61
C LYS B 14 8.53 6.90 -7.35
N SER B 15 9.14 5.77 -6.97
CA SER B 15 10.58 5.76 -6.68
C SER B 15 11.44 5.91 -7.88
N THR B 16 10.96 5.47 -9.02
CA THR B 16 11.74 5.59 -10.22
C THR B 16 11.88 7.07 -10.53
N THR B 17 10.75 7.80 -10.39
CA THR B 17 10.70 9.26 -10.58
C THR B 17 11.58 10.02 -9.57
N THR B 18 11.58 9.58 -8.32
CA THR B 18 12.42 10.23 -7.30
C THR B 18 13.87 10.17 -7.78
N GLN B 19 14.34 8.96 -8.02
CA GLN B 19 15.72 8.76 -8.48
C GLN B 19 15.98 9.50 -9.74
N ASN B 20 15.06 9.47 -10.69
CA ASN B 20 15.26 10.19 -11.93
C ASN B 20 15.32 11.71 -11.78
N LEU B 21 14.53 12.21 -10.82
CA LEU B 21 14.51 13.61 -10.47
C LEU B 21 15.90 14.05 -9.85
N THR B 22 16.43 13.27 -8.91
CA THR B 22 17.71 13.60 -8.28
C THR B 22 18.76 13.66 -9.39
N SER B 23 18.73 12.69 -10.31
CA SER B 23 19.65 12.64 -11.44
C SER B 23 19.66 13.98 -12.14
N GLY B 24 18.47 14.54 -12.34
CA GLY B 24 18.38 15.82 -13.01
C GLY B 24 19.03 16.95 -12.23
N LEU B 25 18.88 16.92 -10.91
CA LEU B 25 19.46 17.96 -10.07
C LEU B 25 20.96 17.76 -10.03
N HIS B 26 21.37 16.51 -10.15
CA HIS B 26 22.79 16.26 -10.20
C HIS B 26 23.27 17.01 -11.45
N ALA B 27 22.54 16.86 -12.55
CA ALA B 27 22.90 17.55 -13.76
C ALA B 27 23.02 19.06 -13.49
N MET B 28 22.40 19.54 -12.42
CA MET B 28 22.49 20.96 -12.16
C MET B 28 23.54 21.32 -11.14
N GLY B 29 24.60 20.53 -11.03
CA GLY B 29 25.64 20.86 -10.07
C GLY B 29 25.13 20.77 -8.65
N LYS B 30 23.97 20.16 -8.48
CA LYS B 30 23.40 20.01 -7.15
C LYS B 30 24.00 18.82 -6.42
N THR B 31 24.29 19.00 -5.14
CA THR B 31 24.84 17.97 -4.31
C THR B 31 23.63 17.49 -3.56
N ILE B 32 23.38 16.16 -3.61
CA ILE B 32 22.17 15.51 -3.07
C ILE B 32 22.34 14.22 -2.27
N MET B 33 21.42 14.03 -1.31
CA MET B 33 21.34 12.82 -0.51
C MET B 33 19.88 12.28 -0.56
N VAL B 34 19.74 10.97 -0.82
CA VAL B 34 18.44 10.27 -0.90
C VAL B 34 18.23 9.29 0.23
N VAL B 35 17.11 9.39 0.92
CA VAL B 35 16.81 8.50 2.05
C VAL B 35 15.54 7.70 1.69
N GLY B 36 15.69 6.40 1.48
CA GLY B 36 14.55 5.55 1.19
C GLY B 36 13.80 5.26 2.48
N CYS B 37 12.48 5.46 2.45
CA CYS B 37 11.58 5.24 3.60
C CYS B 37 10.36 4.51 3.03
N ASP B 38 10.60 3.64 2.07
CA ASP B 38 9.49 3.00 1.38
C ASP B 38 9.67 1.52 1.25
N PRO B 39 8.94 0.77 2.08
CA PRO B 39 9.09 -0.67 1.97
C PRO B 39 8.79 -1.25 0.58
N LYS B 40 7.95 -0.59 -0.20
CA LYS B 40 7.59 -1.11 -1.53
C LYS B 40 8.69 -1.30 -2.58
N ALA B 41 9.46 -0.29 -2.88
CA ALA B 41 10.47 -0.48 -3.90
C ALA B 41 11.86 -0.10 -3.37
N ASP B 42 12.89 -0.33 -4.18
CA ASP B 42 14.21 0.09 -3.76
C ASP B 42 14.27 1.51 -4.26
N SER B 43 14.42 2.42 -3.31
CA SER B 43 14.53 3.86 -3.56
C SER B 43 15.91 4.31 -4.11
N THR B 44 16.88 3.40 -4.11
CA THR B 44 18.22 3.75 -4.56
C THR B 44 18.90 2.79 -5.52
N ARG B 45 18.21 1.75 -5.80
CA ARG B 45 18.72 0.70 -6.64
C ARG B 45 19.14 1.19 -8.04
N LEU B 46 18.53 2.28 -8.50
CA LEU B 46 18.83 2.86 -9.84
C LEU B 46 19.98 3.85 -9.78
N LEU B 47 20.21 4.42 -8.61
CA LEU B 47 21.28 5.38 -8.41
C LEU B 47 22.55 4.59 -8.23
N LEU B 48 22.42 3.49 -7.49
CA LEU B 48 23.55 2.63 -7.22
C LEU B 48 23.73 1.57 -8.32
N GLY B 49 23.57 2.03 -9.57
CA GLY B 49 23.71 1.22 -10.77
C GLY B 49 23.07 -0.15 -10.77
N GLY B 50 22.18 -0.40 -9.82
CA GLY B 50 21.52 -1.69 -9.73
C GLY B 50 22.01 -2.42 -8.50
N LEU B 51 22.62 -1.67 -7.60
CA LEU B 51 23.18 -2.18 -6.34
C LEU B 51 22.16 -2.05 -5.20
N ALA B 52 21.74 -3.19 -4.62
CA ALA B 52 20.74 -3.17 -3.52
C ALA B 52 21.31 -2.98 -2.13
N GLN B 53 21.86 -1.80 -1.87
CA GLN B 53 22.47 -1.51 -0.55
C GLN B 53 21.74 -2.00 0.64
N LYS B 54 22.48 -2.40 1.67
CA LYS B 54 21.86 -2.81 2.92
C LYS B 54 21.27 -1.57 3.54
N SER B 55 20.22 -1.79 4.33
CA SER B 55 19.51 -0.75 5.04
C SER B 55 20.13 -0.45 6.40
N VAL B 56 19.72 0.68 6.94
CA VAL B 56 20.17 1.13 8.21
C VAL B 56 19.81 0.06 9.20
N LEU B 57 18.57 -0.42 9.16
CA LEU B 57 18.11 -1.44 10.10
C LEU B 57 18.88 -2.77 9.96
N ASP B 58 19.06 -3.23 8.72
CA ASP B 58 19.84 -4.45 8.46
C ASP B 58 21.20 -4.17 9.16
N THR B 59 21.91 -3.16 8.65
CA THR B 59 23.22 -2.69 9.11
C THR B 59 23.39 -2.62 10.62
N LEU B 60 22.48 -1.94 11.29
CA LEU B 60 22.58 -1.89 12.73
C LEU B 60 22.56 -3.33 13.27
N ARG B 61 21.61 -4.13 12.76
CA ARG B 61 21.52 -5.53 13.18
C ARG B 61 22.91 -6.15 13.03
N GLU B 62 23.48 -5.96 11.84
CA GLU B 62 24.81 -6.43 11.50
C GLU B 62 25.82 -5.64 12.34
N GLU B 63 26.41 -4.58 11.77
CA GLU B 63 27.41 -3.73 12.49
C GLU B 63 27.07 -3.33 13.95
N GLY B 64 25.91 -3.75 14.46
CA GLY B 64 25.53 -3.45 15.83
C GLY B 64 25.48 -1.97 16.13
N GLU B 65 26.19 -1.54 17.17
CA GLU B 65 26.22 -0.13 17.58
C GLU B 65 27.25 0.64 16.79
N ASP B 66 28.42 0.04 16.63
CA ASP B 66 29.55 0.64 15.90
C ASP B 66 29.23 0.80 14.41
N VAL B 67 28.20 1.61 14.14
CA VAL B 67 27.71 1.87 12.78
C VAL B 67 28.49 2.97 12.07
N GLU B 68 29.13 2.60 10.99
CA GLU B 68 29.91 3.50 10.16
C GLU B 68 29.05 4.20 9.10
N LEU B 69 29.26 5.50 8.89
CA LEU B 69 28.51 6.21 7.87
C LEU B 69 28.70 5.59 6.46
N ASP B 70 29.92 5.19 6.14
CA ASP B 70 30.17 4.64 4.82
C ASP B 70 29.51 3.33 4.60
N SER B 71 29.02 2.69 5.63
CA SER B 71 28.35 1.41 5.37
C SER B 71 26.92 1.66 4.85
N ILE B 72 26.25 2.61 5.51
CA ILE B 72 24.88 2.99 5.19
C ILE B 72 24.63 4.01 4.07
N LEU B 73 25.61 4.89 3.82
CA LEU B 73 25.46 5.89 2.80
C LEU B 73 26.45 5.56 1.71
N LYS B 74 25.94 5.29 0.53
CA LYS B 74 26.74 4.92 -0.65
C LYS B 74 26.61 5.94 -1.74
N GLU B 75 27.74 6.40 -2.26
CA GLU B 75 27.69 7.38 -3.33
C GLU B 75 27.36 6.65 -4.65
N GLY B 76 26.35 7.11 -5.36
CA GLY B 76 25.99 6.45 -6.59
C GLY B 76 26.16 7.38 -7.74
N TYR B 77 25.13 7.46 -8.56
CA TYR B 77 25.18 8.31 -9.72
C TYR B 77 25.53 9.76 -9.48
N GLY B 78 26.62 10.16 -10.11
CA GLY B 78 27.13 11.52 -10.08
C GLY B 78 27.34 12.10 -8.71
N GLY B 79 27.66 11.23 -7.75
CA GLY B 79 27.87 11.67 -6.39
C GLY B 79 26.66 11.64 -5.48
N ILE B 80 25.54 11.12 -5.94
CA ILE B 80 24.35 11.11 -5.07
C ILE B 80 24.50 10.16 -3.87
N ARG B 81 24.35 10.70 -2.68
CA ARG B 81 24.49 9.91 -1.46
C ARG B 81 23.21 9.11 -1.19
N CYS B 82 23.30 7.80 -1.22
CA CYS B 82 22.11 6.99 -1.02
C CYS B 82 22.06 6.28 0.32
N VAL B 83 20.86 6.22 0.86
CA VAL B 83 20.60 5.51 2.10
C VAL B 83 19.16 5.00 2.04
N GLU B 84 18.98 3.82 2.65
CA GLU B 84 17.71 3.10 2.78
C GLU B 84 17.48 2.84 4.27
N SER B 85 16.38 3.37 4.84
CA SER B 85 16.11 3.15 6.27
C SER B 85 15.86 1.69 6.67
N GLY B 86 15.35 0.90 5.74
CA GLY B 86 15.02 -0.48 6.05
C GLY B 86 13.60 -0.51 6.56
N GLY B 87 12.86 -1.56 6.17
CA GLY B 87 11.45 -1.67 6.58
C GLY B 87 11.35 -2.23 7.96
N PRO B 88 10.13 -2.36 8.50
CA PRO B 88 9.87 -2.90 9.85
C PRO B 88 9.93 -4.42 9.88
N GLU B 89 10.34 -5.01 11.00
CA GLU B 89 10.34 -6.47 11.15
C GLU B 89 8.86 -6.79 10.89
N PRO B 90 8.57 -7.65 9.90
CA PRO B 90 7.20 -8.04 9.52
C PRO B 90 6.27 -8.45 10.69
N GLY B 91 5.11 -7.80 10.81
CA GLY B 91 4.18 -8.12 11.86
C GLY B 91 4.47 -7.50 13.22
N VAL B 92 5.56 -6.75 13.35
CA VAL B 92 5.96 -6.20 14.64
C VAL B 92 6.33 -4.72 14.65
N GLY B 93 7.24 -4.35 13.79
CA GLY B 93 7.71 -2.98 13.77
C GLY B 93 6.83 -2.00 12.99
N CYS B 94 6.86 -0.74 13.43
CA CYS B 94 6.11 0.35 12.82
C CYS B 94 7.09 0.91 11.83
N ALA B 95 6.61 1.17 10.62
CA ALA B 95 7.46 1.73 9.58
C ALA B 95 8.12 3.07 10.00
N GLY B 96 7.43 3.80 10.84
CA GLY B 96 7.94 5.08 11.28
C GLY B 96 9.15 4.99 12.18
N ARG B 97 9.13 4.04 13.12
CA ARG B 97 10.23 3.92 14.06
C ARG B 97 11.55 3.82 13.29
N GLY B 98 11.59 2.95 12.29
CA GLY B 98 12.81 2.80 11.53
C GLY B 98 13.20 4.10 10.83
N ILE B 99 12.21 4.80 10.29
CA ILE B 99 12.57 6.02 9.63
C ILE B 99 13.33 6.87 10.64
N ILE B 100 12.77 7.11 11.84
CA ILE B 100 13.41 7.98 12.84
C ILE B 100 14.80 7.48 13.26
N THR B 101 14.93 6.18 13.45
CA THR B 101 16.20 5.61 13.81
C THR B 101 17.23 6.03 12.78
N SER B 102 16.95 5.74 11.50
CA SER B 102 17.85 6.05 10.39
C SER B 102 18.24 7.49 10.25
N ILE B 103 17.26 8.36 10.38
CA ILE B 103 17.51 9.78 10.29
C ILE B 103 18.39 10.22 11.43
N ASN B 104 18.19 9.66 12.64
CA ASN B 104 19.04 10.00 13.80
C ASN B 104 20.49 9.53 13.58
N MET B 105 20.65 8.32 13.08
CA MET B 105 21.97 7.80 12.79
C MET B 105 22.66 8.74 11.79
N LEU B 106 22.04 9.01 10.66
CA LEU B 106 22.60 9.92 9.66
C LEU B 106 23.06 11.28 10.28
N GLU B 107 22.21 11.81 11.16
CA GLU B 107 22.49 13.04 11.83
C GLU B 107 23.69 12.79 12.76
N GLN B 108 23.61 11.76 13.60
CA GLN B 108 24.70 11.43 14.50
C GLN B 108 26.02 11.19 13.77
N LEU B 109 25.99 10.53 12.62
CA LEU B 109 27.20 10.26 11.85
C LEU B 109 27.56 11.46 10.95
N GLY B 110 27.04 12.64 11.27
CA GLY B 110 27.37 13.82 10.52
C GLY B 110 27.07 13.84 9.01
N ALA B 111 26.08 13.07 8.54
CA ALA B 111 25.78 13.05 7.11
C ALA B 111 25.10 14.33 6.64
N TYR B 112 24.56 15.10 7.58
CA TYR B 112 23.86 16.32 7.21
C TYR B 112 24.80 17.47 7.08
N THR B 113 25.70 17.32 6.12
CA THR B 113 26.75 18.27 5.83
C THR B 113 26.36 19.58 5.17
N ASP B 114 27.24 20.56 5.35
CA ASP B 114 27.09 21.91 4.80
C ASP B 114 27.02 21.94 3.30
N ASP B 115 27.70 21.03 2.63
CA ASP B 115 27.68 21.05 1.19
C ASP B 115 26.35 20.51 0.55
N LEU B 116 25.39 20.16 1.39
CA LEU B 116 24.12 19.62 0.92
C LEU B 116 23.15 20.63 0.36
N ASP B 117 22.77 20.39 -0.90
CA ASP B 117 21.78 21.23 -1.60
C ASP B 117 20.38 20.69 -1.41
N TYR B 118 20.27 19.37 -1.40
CA TYR B 118 19.00 18.70 -1.21
C TYR B 118 19.10 17.39 -0.39
N VAL B 119 18.06 17.13 0.36
CA VAL B 119 17.89 15.83 1.01
C VAL B 119 16.42 15.46 0.60
N PHE B 120 16.26 14.25 0.07
CA PHE B 120 14.98 13.71 -0.37
C PHE B 120 14.65 12.48 0.44
N TYR B 121 13.43 12.40 0.95
CA TYR B 121 12.93 11.20 1.63
C TYR B 121 11.90 10.57 0.67
N ASP B 122 12.20 9.40 0.16
CA ASP B 122 11.25 8.70 -0.73
C ASP B 122 10.30 7.87 0.17
N VAL B 123 9.07 8.37 0.35
CA VAL B 123 8.09 7.76 1.27
C VAL B 123 6.83 7.12 0.67
N LEU B 124 6.44 5.96 1.22
CA LEU B 124 5.24 5.22 0.84
C LEU B 124 3.95 6.07 1.15
N GLY B 125 3.06 6.15 0.16
CA GLY B 125 1.79 6.86 0.24
C GLY B 125 0.54 5.97 0.41
N ASP B 126 0.71 4.65 0.51
CA ASP B 126 -0.41 3.72 0.65
C ASP B 126 -1.24 3.86 1.90
N VAL B 127 -0.64 4.28 3.01
CA VAL B 127 -1.38 4.46 4.28
C VAL B 127 -0.87 5.79 4.87
N VAL B 128 -1.78 6.73 5.04
CA VAL B 128 -1.41 8.02 5.56
C VAL B 128 -1.54 8.01 7.07
N CYS B 129 -0.65 7.21 7.67
CA CYS B 129 -0.62 7.04 9.08
C CYS B 129 0.53 7.85 9.68
N GLY B 130 0.62 7.86 11.00
CA GLY B 130 1.69 8.58 11.70
C GLY B 130 3.05 7.98 11.46
N GLY B 131 3.12 6.66 11.36
CA GLY B 131 4.39 6.01 11.06
C GLY B 131 4.98 6.56 9.76
N PHE B 132 4.15 6.73 8.73
CA PHE B 132 4.69 7.24 7.48
C PHE B 132 4.85 8.73 7.40
N ALA B 133 4.27 9.43 8.36
CA ALA B 133 4.39 10.89 8.41
C ALA B 133 5.62 11.32 9.21
N MET B 134 6.48 10.34 9.61
CA MET B 134 7.69 10.60 10.40
C MET B 134 8.69 11.62 9.86
N PRO B 135 8.96 11.61 8.55
CA PRO B 135 9.91 12.63 8.10
C PRO B 135 9.32 14.04 8.34
N ILE B 136 8.02 14.16 8.13
CA ILE B 136 7.32 15.42 8.29
C ILE B 136 7.29 15.73 9.76
N ARG B 137 6.62 14.88 10.54
CA ARG B 137 6.51 15.03 11.99
C ARG B 137 7.84 15.38 12.68
N GLU B 138 8.93 14.72 12.30
CA GLU B 138 10.21 14.99 12.89
C GLU B 138 10.78 16.33 12.35
N GLY B 139 9.96 17.16 11.70
CA GLY B 139 10.42 18.40 11.11
C GLY B 139 11.24 18.23 9.83
N LYS B 140 12.04 17.15 9.77
CA LYS B 140 12.93 16.80 8.65
C LYS B 140 12.60 17.23 7.23
N ALA B 141 11.33 17.20 6.86
CA ALA B 141 11.00 17.53 5.52
C ALA B 141 9.91 18.60 5.51
N GLN B 142 10.20 19.72 4.84
CA GLN B 142 9.27 20.84 4.77
C GLN B 142 8.62 21.01 3.37
N GLU B 143 9.23 20.43 2.33
CA GLU B 143 8.77 20.60 0.97
C GLU B 143 8.33 19.30 0.37
N ILE B 144 7.02 19.19 0.04
CA ILE B 144 6.41 17.93 -0.47
C ILE B 144 5.90 17.90 -1.87
N TYR B 145 6.19 16.78 -2.53
CA TYR B 145 5.78 16.55 -3.90
C TYR B 145 5.12 15.20 -3.81
N ILE B 146 3.93 15.11 -4.44
CA ILE B 146 3.14 13.87 -4.46
C ILE B 146 3.10 13.36 -5.89
N VAL B 147 3.53 12.09 -6.07
CA VAL B 147 3.46 11.44 -7.38
C VAL B 147 2.10 10.71 -7.49
N ALA B 148 1.41 10.96 -8.60
CA ALA B 148 0.07 10.44 -8.88
C ALA B 148 -0.01 10.22 -10.38
N SER B 149 -1.04 9.51 -10.82
CA SER B 149 -1.33 9.24 -12.22
C SER B 149 -2.84 9.43 -12.32
N GLY B 150 -3.35 9.29 -13.55
CA GLY B 150 -4.77 9.40 -13.81
C GLY B 150 -5.62 8.38 -13.07
N GLU B 151 -5.08 7.22 -12.73
CA GLU B 151 -5.80 6.20 -11.97
C GLU B 151 -6.47 6.78 -10.70
N MET B 152 -7.71 6.35 -10.47
CA MET B 152 -8.51 6.81 -9.32
C MET B 152 -7.87 6.55 -7.90
N MET B 153 -7.33 5.37 -7.71
CA MET B 153 -6.71 5.04 -6.45
C MET B 153 -5.53 5.94 -6.15
N ALA B 154 -4.82 6.39 -7.20
CA ALA B 154 -3.61 7.27 -7.13
C ALA B 154 -3.99 8.64 -6.69
N LEU B 155 -5.11 9.12 -7.23
CA LEU B 155 -5.64 10.45 -6.89
C LEU B 155 -6.26 10.42 -5.48
N TYR B 156 -6.81 9.28 -5.11
CA TYR B 156 -7.36 9.19 -3.76
C TYR B 156 -6.17 9.26 -2.78
N ALA B 157 -5.13 8.47 -3.02
CA ALA B 157 -3.93 8.47 -2.16
C ALA B 157 -3.36 9.88 -2.06
N ALA B 158 -3.24 10.53 -3.21
CA ALA B 158 -2.71 11.87 -3.28
C ALA B 158 -3.54 12.79 -2.41
N ASN B 159 -4.85 12.66 -2.51
CA ASN B 159 -5.75 13.52 -1.75
C ASN B 159 -5.62 13.23 -0.22
N ASN B 160 -5.53 11.94 0.07
CA ASN B 160 -5.36 11.46 1.45
C ASN B 160 -4.00 11.93 2.06
N ILE B 161 -2.96 11.89 1.21
CA ILE B 161 -1.65 12.39 1.58
C ILE B 161 -1.72 13.88 1.84
N SER B 162 -2.44 14.62 1.01
CA SER B 162 -2.57 16.07 1.29
C SER B 162 -3.24 16.38 2.64
N LYS B 163 -4.14 15.53 3.12
CA LYS B 163 -4.77 15.74 4.46
C LYS B 163 -3.63 15.71 5.50
N GLY B 164 -2.81 14.65 5.46
CA GLY B 164 -1.68 14.52 6.37
C GLY B 164 -0.75 15.69 6.25
N ILE B 165 -0.58 16.22 5.05
CA ILE B 165 0.32 17.39 4.87
C ILE B 165 -0.27 18.57 5.62
N GLN B 166 -1.57 18.79 5.41
CA GLN B 166 -2.25 19.91 6.04
C GLN B 166 -2.33 19.88 7.57
N LYS B 167 -2.20 18.66 8.14
CA LYS B 167 -2.24 18.43 9.58
C LYS B 167 -1.05 19.07 10.21
N TYR B 168 0.01 19.27 9.46
CA TYR B 168 1.22 19.85 10.01
C TYR B 168 1.63 21.21 9.44
N ALA B 169 1.09 21.56 8.29
CA ALA B 169 1.44 22.84 7.67
C ALA B 169 1.11 24.01 8.62
N LYS B 170 -0.11 23.92 9.18
CA LYS B 170 -0.66 24.95 10.08
C LYS B 170 -0.01 24.94 11.46
N SER B 171 1.32 24.95 11.51
CA SER B 171 2.02 24.83 12.80
C SER B 171 3.47 24.42 12.61
N GLY B 172 3.76 23.96 11.41
CA GLY B 172 5.11 23.55 11.00
C GLY B 172 5.28 24.24 9.65
N GLY B 173 6.48 24.21 9.12
CA GLY B 173 6.64 24.91 7.85
C GLY B 173 6.21 24.11 6.64
N VAL B 174 5.87 22.85 6.87
CA VAL B 174 5.46 21.93 5.82
C VAL B 174 4.48 22.52 4.82
N ARG B 175 4.88 22.44 3.55
CA ARG B 175 4.08 22.91 2.43
C ARG B 175 4.12 21.89 1.27
N LEU B 176 3.05 21.89 0.48
CA LEU B 176 2.98 21.09 -0.71
C LEU B 176 3.63 21.95 -1.84
N GLY B 177 4.60 21.37 -2.55
CA GLY B 177 5.23 22.04 -3.65
C GLY B 177 4.56 21.69 -4.96
N GLY B 178 3.90 20.56 -5.05
CA GLY B 178 3.30 20.25 -6.31
C GLY B 178 2.98 18.79 -6.52
N ILE B 179 2.25 18.53 -7.61
CA ILE B 179 1.84 17.20 -7.98
C ILE B 179 2.66 16.85 -9.23
N ILE B 180 3.20 15.63 -9.24
CA ILE B 180 3.99 15.17 -10.36
C ILE B 180 3.22 14.01 -10.92
N CYS B 181 2.96 14.03 -12.21
CA CYS B 181 2.20 12.92 -12.80
C CYS B 181 3.06 11.88 -13.45
N ASN B 182 3.00 10.64 -12.94
CA ASN B 182 3.70 9.52 -13.54
C ASN B 182 2.58 8.95 -14.40
N SER B 183 2.68 9.21 -15.70
CA SER B 183 1.62 8.84 -16.63
C SER B 183 1.34 7.37 -16.70
N ARG B 184 0.06 7.02 -16.66
CA ARG B 184 -0.33 5.62 -16.73
C ARG B 184 -1.30 5.41 -17.90
N LYS B 185 -1.04 6.08 -19.02
CA LYS B 185 -1.89 5.93 -20.19
C LYS B 185 -3.35 6.19 -19.85
N VAL B 186 -3.66 7.41 -19.45
CA VAL B 186 -5.05 7.72 -19.13
C VAL B 186 -5.62 8.76 -20.11
N ALA B 187 -6.83 8.50 -20.61
CA ALA B 187 -7.44 9.44 -21.53
C ALA B 187 -7.59 10.78 -20.79
N ASN B 188 -7.10 11.83 -21.44
CA ASN B 188 -7.14 13.19 -20.92
C ASN B 188 -6.45 13.34 -19.56
N GLU B 189 -5.37 12.57 -19.38
CA GLU B 189 -4.61 12.55 -18.12
C GLU B 189 -4.07 13.93 -17.68
N TYR B 190 -3.50 14.65 -18.61
CA TYR B 190 -2.95 15.93 -18.30
C TYR B 190 -3.97 16.93 -17.73
N GLU B 191 -5.10 17.13 -18.43
CA GLU B 191 -6.14 18.08 -17.97
C GLU B 191 -6.68 17.66 -16.60
N LEU B 192 -6.78 16.34 -16.46
CA LEU B 192 -7.24 15.75 -15.21
C LEU B 192 -6.21 16.02 -14.09
N LEU B 193 -4.95 15.69 -14.30
CA LEU B 193 -3.97 15.92 -13.25
C LEU B 193 -3.86 17.40 -12.85
N ASP B 194 -4.09 18.28 -13.83
CA ASP B 194 -3.98 19.72 -13.62
C ASP B 194 -5.21 20.30 -12.87
N ALA B 195 -6.36 19.65 -13.04
CA ALA B 195 -7.56 20.12 -12.35
C ALA B 195 -7.51 19.61 -10.94
N PHE B 196 -6.85 18.46 -10.75
CA PHE B 196 -6.77 17.88 -9.43
C PHE B 196 -5.84 18.70 -8.53
N ALA B 197 -4.62 18.94 -9.07
CA ALA B 197 -3.57 19.70 -8.39
C ALA B 197 -4.06 21.12 -8.13
N LYS B 198 -4.92 21.62 -9.03
CA LYS B 198 -5.48 22.97 -8.89
C LYS B 198 -6.54 22.99 -7.84
N GLU B 199 -7.37 21.96 -7.84
CA GLU B 199 -8.43 21.78 -6.84
C GLU B 199 -7.83 21.90 -5.40
N LEU B 200 -6.64 21.33 -5.21
CA LEU B 200 -5.96 21.35 -3.91
C LEU B 200 -5.33 22.69 -3.60
N GLY B 201 -5.23 23.54 -4.61
CA GLY B 201 -4.57 24.81 -4.41
C GLY B 201 -3.12 24.69 -4.85
N SER B 202 -2.79 23.62 -5.55
CA SER B 202 -1.43 23.41 -5.98
C SER B 202 -1.25 23.49 -7.48
N GLN B 203 -0.28 22.75 -8.02
CA GLN B 203 0.05 22.72 -9.44
C GLN B 203 0.58 21.34 -9.90
N LEU B 204 0.40 21.09 -11.18
CA LEU B 204 0.89 19.89 -11.86
C LEU B 204 2.24 20.42 -12.33
N ILE B 205 3.24 20.25 -11.48
CA ILE B 205 4.60 20.75 -11.72
C ILE B 205 5.26 20.07 -12.92
N HIS B 206 5.01 18.79 -13.14
CA HIS B 206 5.56 18.14 -14.31
C HIS B 206 4.79 16.87 -14.64
N PHE B 207 4.59 16.62 -15.95
CA PHE B 207 3.89 15.39 -16.40
C PHE B 207 4.99 14.52 -16.95
N VAL B 208 5.26 13.41 -16.29
CA VAL B 208 6.28 12.48 -16.76
C VAL B 208 5.58 11.41 -17.68
N PRO B 209 5.92 11.43 -18.98
CA PRO B 209 5.33 10.49 -19.93
C PRO B 209 5.91 9.08 -19.82
N ARG B 210 5.20 8.10 -20.35
CA ARG B 210 5.68 6.74 -20.33
C ARG B 210 6.47 6.70 -21.60
N SER B 211 7.55 5.92 -21.58
CA SER B 211 8.45 5.78 -22.70
C SER B 211 9.18 4.45 -22.54
N PRO B 212 9.54 3.81 -23.65
CA PRO B 212 10.24 2.54 -23.40
C PRO B 212 11.64 2.85 -22.82
N MET B 213 12.03 4.13 -22.81
CA MET B 213 13.33 4.49 -22.24
C MET B 213 13.43 4.11 -20.73
N VAL B 214 12.38 4.34 -19.97
CA VAL B 214 12.41 4.02 -18.57
C VAL B 214 12.47 2.53 -18.31
N THR B 215 11.77 1.73 -19.10
CA THR B 215 11.76 0.27 -18.84
C THR B 215 13.09 -0.41 -19.15
N LYS B 216 13.84 0.23 -20.04
CA LYS B 216 15.16 -0.26 -20.45
C LYS B 216 16.16 0.06 -19.35
N ALA B 217 16.31 1.36 -19.08
CA ALA B 217 17.22 1.80 -18.05
C ALA B 217 17.05 0.98 -16.72
N GLU B 218 15.83 0.65 -16.34
CA GLU B 218 15.61 -0.11 -15.11
C GLU B 218 15.87 -1.59 -15.27
N ILE B 219 16.00 -2.07 -16.50
CA ILE B 219 16.32 -3.50 -16.67
C ILE B 219 17.82 -3.58 -16.34
N ASN B 220 18.52 -2.51 -16.72
CA ASN B 220 19.94 -2.35 -16.46
C ASN B 220 20.18 -1.76 -15.06
N LYS B 221 19.12 -1.23 -14.46
CA LYS B 221 19.18 -0.63 -13.14
C LYS B 221 19.92 0.70 -13.14
N GLN B 222 19.55 1.56 -14.10
CA GLN B 222 20.12 2.90 -14.24
C GLN B 222 18.99 3.93 -14.31
N THR B 223 19.35 5.20 -14.20
CA THR B 223 18.38 6.28 -14.33
C THR B 223 18.57 6.59 -15.82
N VAL B 224 17.64 7.33 -16.40
CA VAL B 224 17.72 7.62 -17.81
C VAL B 224 18.80 8.64 -18.18
N ILE B 225 18.91 9.72 -17.42
CA ILE B 225 19.89 10.74 -17.74
C ILE B 225 21.20 9.99 -17.89
N GLU B 226 21.44 9.09 -16.93
CA GLU B 226 22.64 8.25 -16.83
C GLU B 226 22.88 7.43 -18.11
N TYR B 227 21.82 6.77 -18.56
CA TYR B 227 21.76 5.97 -19.78
C TYR B 227 22.08 6.94 -20.94
N ASP B 228 21.05 7.39 -21.65
CA ASP B 228 21.30 8.30 -22.74
C ASP B 228 20.92 9.66 -22.25
N PRO B 229 21.89 10.57 -22.10
CA PRO B 229 21.63 11.95 -21.64
C PRO B 229 20.84 12.66 -22.76
N THR B 230 21.26 12.36 -23.98
CA THR B 230 20.67 12.83 -25.19
C THR B 230 19.57 11.76 -25.24
N CYS B 231 18.32 12.16 -25.13
CA CYS B 231 17.24 11.20 -25.10
C CYS B 231 16.18 12.14 -24.61
N GLU B 232 14.96 12.01 -25.07
CA GLU B 232 14.01 12.98 -24.61
C GLU B 232 13.58 12.72 -23.17
N GLN B 233 13.51 11.45 -22.79
CA GLN B 233 13.07 11.10 -21.45
C GLN B 233 14.09 11.57 -20.39
N ALA B 234 15.39 11.59 -20.75
CA ALA B 234 16.44 12.08 -19.84
C ALA B 234 16.30 13.60 -19.74
N GLU B 235 15.91 14.20 -20.86
CA GLU B 235 15.69 15.63 -20.88
C GLU B 235 14.43 15.96 -20.05
N GLU B 236 13.47 15.02 -20.07
CA GLU B 236 12.19 15.14 -19.34
C GLU B 236 12.49 15.34 -17.87
N TYR B 237 13.48 14.60 -17.38
CA TYR B 237 13.92 14.63 -15.99
C TYR B 237 14.75 15.88 -15.67
N ARG B 238 15.47 16.38 -16.65
CA ARG B 238 16.24 17.57 -16.39
C ARG B 238 15.25 18.76 -16.22
N GLU B 239 14.22 18.78 -17.06
CA GLU B 239 13.21 19.81 -17.01
C GLU B 239 12.49 19.70 -15.65
N LEU B 240 12.22 18.45 -15.23
CA LEU B 240 11.57 18.18 -13.94
C LEU B 240 12.37 18.83 -12.83
N ALA B 241 13.69 18.60 -12.86
CA ALA B 241 14.64 19.16 -11.89
C ALA B 241 14.70 20.68 -11.89
N ARG B 242 14.82 21.28 -13.06
CA ARG B 242 14.89 22.72 -13.07
C ARG B 242 13.57 23.29 -12.62
N LYS B 243 12.46 22.58 -12.85
CA LYS B 243 11.16 23.11 -12.43
C LYS B 243 11.02 23.00 -10.91
N VAL B 244 11.59 21.97 -10.31
CA VAL B 244 11.51 21.83 -8.86
C VAL B 244 12.46 22.81 -8.16
N ASP B 245 13.69 22.90 -8.64
CA ASP B 245 14.67 23.82 -8.08
C ASP B 245 14.22 25.30 -8.09
N ALA B 246 13.56 25.71 -9.18
CA ALA B 246 13.09 27.09 -9.34
C ALA B 246 11.74 27.30 -8.77
N ASN B 247 11.09 26.24 -8.30
CA ASN B 247 9.75 26.39 -7.76
C ASN B 247 9.56 27.48 -6.70
N GLU B 248 8.41 28.11 -6.73
CA GLU B 248 8.10 29.16 -5.75
C GLU B 248 6.69 28.97 -5.16
N LEU B 249 5.90 28.07 -5.73
CA LEU B 249 4.54 27.82 -5.25
C LEU B 249 4.59 26.71 -4.21
N PHE B 250 4.39 27.06 -2.96
CA PHE B 250 4.47 26.10 -1.86
C PHE B 250 3.26 26.35 -1.01
N VAL B 251 2.30 25.43 -1.03
CA VAL B 251 1.07 25.69 -0.29
C VAL B 251 0.58 24.76 0.79
N ILE B 252 -0.27 25.30 1.64
CA ILE B 252 -0.94 24.53 2.66
C ILE B 252 -2.09 24.01 1.80
N PRO B 253 -2.06 22.74 1.37
CA PRO B 253 -3.07 22.10 0.53
C PRO B 253 -4.52 22.02 1.10
N LYS B 254 -5.48 22.12 0.19
CA LYS B 254 -6.89 22.03 0.53
C LYS B 254 -7.46 20.71 0.07
N PRO B 255 -7.44 19.69 0.95
CA PRO B 255 -7.97 18.38 0.53
C PRO B 255 -9.44 18.54 0.07
N MET B 256 -9.79 17.88 -1.03
CA MET B 256 -11.13 17.95 -1.54
C MET B 256 -11.95 16.86 -0.92
N THR B 257 -13.25 16.88 -1.20
CA THR B 257 -14.20 15.87 -0.71
C THR B 257 -14.24 14.69 -1.68
N GLN B 258 -14.57 13.52 -1.19
CA GLN B 258 -14.68 12.34 -2.04
C GLN B 258 -15.59 12.67 -3.22
N GLU B 259 -16.65 13.43 -2.95
CA GLU B 259 -17.61 13.81 -3.99
C GLU B 259 -16.94 14.80 -4.90
N ARG B 260 -16.08 15.64 -4.35
CA ARG B 260 -15.38 16.61 -5.19
C ARG B 260 -14.41 15.92 -6.16
N LEU B 261 -13.80 14.82 -5.70
CA LEU B 261 -12.87 14.05 -6.52
C LEU B 261 -13.59 13.21 -7.60
N GLU B 262 -14.65 12.52 -7.21
CA GLU B 262 -15.42 11.69 -8.17
C GLU B 262 -15.97 12.58 -9.31
N GLU B 263 -16.37 13.81 -8.94
CA GLU B 263 -16.87 14.80 -9.90
C GLU B 263 -15.76 14.99 -10.91
N ILE B 264 -14.58 15.36 -10.42
CA ILE B 264 -13.44 15.59 -11.32
C ILE B 264 -13.12 14.36 -12.20
N LEU B 265 -13.09 13.18 -11.60
CA LEU B 265 -12.81 12.01 -12.40
C LEU B 265 -13.96 11.73 -13.36
N MET B 266 -15.08 12.45 -13.21
CA MET B 266 -16.24 12.30 -14.09
C MET B 266 -16.06 13.29 -15.19
N GLN B 267 -15.85 14.53 -14.78
CA GLN B 267 -15.68 15.63 -15.70
C GLN B 267 -14.45 15.49 -16.60
N TYR B 268 -13.43 14.74 -16.15
CA TYR B 268 -12.20 14.61 -16.95
C TYR B 268 -11.79 13.32 -17.68
N GLY B 269 -12.50 12.21 -17.46
CA GLY B 269 -12.14 10.98 -18.17
C GLY B 269 -10.69 10.48 -18.08
FE1 SF4 C . 3.15 2.43 12.28
FE2 SF4 C . 1.77 0.62 10.80
FE3 SF4 C . 0.62 1.96 12.77
FE4 SF4 C . 1.41 3.12 10.49
S1 SF4 C . -0.32 1.55 10.64
S2 SF4 C . 1.56 4.03 12.57
S3 SF4 C . 3.34 2.06 9.97
S4 SF4 C . 2.30 0.45 13.08
#